data_5HWA
#
_entry.id   5HWA
#
_cell.length_a   40.750
_cell.length_b   79.030
_cell.length_c   94.760
_cell.angle_alpha   90.000
_cell.angle_beta   90.000
_cell.angle_gamma   90.000
#
_symmetry.space_group_name_H-M   'P 21 21 21'
#
loop_
_entity.id
_entity.type
_entity.pdbx_description
1 polymer Chitosanase
2 branched 2-amino-2-deoxy-beta-D-glucopyranose-(1-4)-2-amino-2-deoxy-beta-D-glucopyranose-(1-4)-2-amino-2-deoxy-beta-D-glucopyranose-(1-4)-2-amino-2-deoxy-beta-D-glucopyranose
3 non-polymer 'CACODYLATE ION'
4 non-polymer 'ACETIC ACID'
5 non-polymer 'ZINC ION'
6 water water
#
_entity_poly.entity_id   1
_entity_poly.type   'polypeptide(L)'
_entity_poly.pdbx_seq_one_letter_code
;ASPDDNFSPETLQFLRNNTGLDGEQWNNIMKLINKPQQDDLNWIKYYGYCEDIEDERGYTIGLFGATTGGSRDTHPDGPD
LFKAYDAAKGASNPSADGALKRLGINGKMKGSILEIKDSEKVFCGKIKKLQNDAAWRKAMWETFYNVYIRYSVEQARQRG
FTSAVTIGSFVDTALNQGATGGSDTLQGLLARSGSSSNEKTFMKNFHAKRTLVVDTNKYNKPPNGKNRVKQWDTLVDMGK
MNLKNVDSEIAQVTDWEMK
;
_entity_poly.pdbx_strand_id   A
#
loop_
_chem_comp.id
_chem_comp.type
_chem_comp.name
_chem_comp.formula
ACY non-polymer 'ACETIC ACID' 'C2 H4 O2'
CAC non-polymer 'CACODYLATE ION' 'C2 H6 As O2 -1'
GCS D-saccharide, beta linking 2-amino-2-deoxy-beta-D-glucopyranose 'C6 H13 N O5'
ZN non-polymer 'ZINC ION' 'Zn 2'
#
# COMPACT_ATOMS: atom_id res chain seq x y z
N ALA A 1 0.39 24.28 -4.25
CA ALA A 1 -0.79 23.63 -4.90
C ALA A 1 -1.61 22.87 -3.88
N SER A 2 -2.85 22.62 -4.25
CA SER A 2 -3.72 21.82 -3.42
C SER A 2 -3.29 20.33 -3.44
N PRO A 3 -3.26 19.66 -2.26
CA PRO A 3 -2.92 18.24 -2.24
C PRO A 3 -3.93 17.42 -3.04
N ASP A 4 -5.14 17.97 -3.21
CA ASP A 4 -6.17 17.29 -3.99
C ASP A 4 -5.74 17.04 -5.38
N ASP A 5 -4.83 17.89 -5.89
CA ASP A 5 -4.44 17.83 -7.29
C ASP A 5 -3.63 16.56 -7.59
N ASN A 6 -3.23 15.84 -6.56
CA ASN A 6 -2.41 14.61 -6.77
C ASN A 6 -3.26 13.37 -7.00
N PHE A 7 -4.57 13.55 -7.13
CA PHE A 7 -5.50 12.42 -7.36
C PHE A 7 -6.32 12.70 -8.59
N SER A 8 -6.72 11.65 -9.29
CA SER A 8 -7.72 11.84 -10.36
C SER A 8 -9.02 12.32 -9.69
N PRO A 9 -9.87 13.02 -10.45
CA PRO A 9 -11.13 13.42 -9.85
C PRO A 9 -11.94 12.22 -9.32
N GLU A 10 -11.95 11.11 -10.07
CA GLU A 10 -12.71 9.91 -9.67
C GLU A 10 -12.16 9.34 -8.37
N THR A 11 -10.85 9.30 -8.23
CA THR A 11 -10.22 8.76 -7.01
C THR A 11 -10.51 9.67 -5.82
N LEU A 12 -10.37 10.98 -6.04
CA LEU A 12 -10.60 11.94 -4.95
C LEU A 12 -12.02 11.74 -4.40
N GLN A 13 -13.01 11.70 -5.28
CA GLN A 13 -14.39 11.55 -4.86
C GLN A 13 -14.66 10.19 -4.26
N PHE A 14 -14.14 9.13 -4.88
CA PHE A 14 -14.38 7.78 -4.38
C PHE A 14 -13.79 7.62 -2.98
N LEU A 15 -12.57 8.11 -2.78
CA LEU A 15 -11.96 8.03 -1.45
C LEU A 15 -12.76 8.84 -0.41
N ARG A 16 -13.26 10.01 -0.79
CA ARG A 16 -14.06 10.82 0.12
CA ARG A 16 -14.02 10.77 0.17
C ARG A 16 -15.31 10.03 0.54
N ASN A 17 -15.99 9.49 -0.46
CA ASN A 17 -17.30 8.87 -0.24
C ASN A 17 -17.18 7.57 0.52
N ASN A 18 -16.06 6.86 0.35
CA ASN A 18 -15.91 5.53 0.92
C ASN A 18 -15.01 5.40 2.13
N THR A 19 -14.18 6.42 2.37
CA THR A 19 -13.24 6.35 3.51
C THR A 19 -13.42 7.52 4.47
N GLY A 20 -14.17 8.53 4.07
CA GLY A 20 -14.37 9.68 4.92
C GLY A 20 -13.22 10.68 4.89
N LEU A 21 -12.16 10.42 4.14
CA LEU A 21 -10.96 11.26 4.22
C LEU A 21 -10.80 12.10 2.97
N ASP A 22 -10.25 13.32 3.16
CA ASP A 22 -10.11 14.27 2.05
C ASP A 22 -8.76 14.14 1.36
N GLY A 23 -8.51 15.00 0.37
CA GLY A 23 -7.29 14.94 -0.42
C GLY A 23 -6.04 15.26 0.36
N GLU A 24 -6.11 16.20 1.30
CA GLU A 24 -4.94 16.49 2.18
C GLU A 24 -4.62 15.21 2.99
N GLN A 25 -5.66 14.59 3.55
CA GLN A 25 -5.45 13.44 4.41
C GLN A 25 -4.86 12.28 3.61
N TRP A 26 -5.44 11.94 2.46
CA TRP A 26 -4.87 10.91 1.65
C TRP A 26 -3.50 11.21 1.09
N ASN A 27 -3.28 12.48 0.69
CA ASN A 27 -1.93 12.83 0.25
C ASN A 27 -0.90 12.60 1.37
N ASN A 28 -1.27 12.94 2.61
CA ASN A 28 -0.40 12.70 3.76
C ASN A 28 -0.18 11.21 4.03
N ILE A 29 -1.25 10.40 3.94
CA ILE A 29 -1.11 8.97 4.10
C ILE A 29 -0.10 8.46 3.06
N MET A 30 -0.23 8.91 1.80
CA MET A 30 0.66 8.45 0.74
C MET A 30 2.12 8.87 0.96
N LYS A 31 2.35 10.07 1.48
CA LYS A 31 3.71 10.49 1.83
CA LYS A 31 3.73 10.46 1.82
C LYS A 31 4.32 9.51 2.85
N LEU A 32 3.52 9.17 3.87
CA LEU A 32 3.96 8.30 4.94
C LEU A 32 4.18 6.86 4.47
N ILE A 33 3.39 6.38 3.53
CA ILE A 33 3.61 5.05 2.95
C ILE A 33 4.86 5.08 2.05
N ASN A 34 5.04 6.17 1.30
CA ASN A 34 6.10 6.22 0.30
C ASN A 34 7.48 6.28 0.94
N LYS A 35 7.59 6.88 2.12
CA LYS A 35 8.91 6.99 2.76
C LYS A 35 9.61 5.62 2.91
N PRO A 36 8.96 4.62 3.53
CA PRO A 36 9.64 3.32 3.68
C PRO A 36 9.67 2.51 2.41
N GLN A 37 8.87 2.86 1.40
CA GLN A 37 8.92 2.12 0.12
C GLN A 37 9.97 2.66 -0.85
N GLN A 38 10.19 3.98 -0.80
CA GLN A 38 11.04 4.63 -1.80
C GLN A 38 12.05 5.65 -1.28
N ASP A 39 12.04 5.88 0.03
CA ASP A 39 12.95 6.83 0.68
C ASP A 39 12.73 8.27 0.21
N ASP A 40 11.51 8.62 -0.13
N ASP A 40 11.47 8.60 -0.08
CA ASP A 40 11.16 10.01 -0.30
CA ASP A 40 11.03 9.79 -0.85
C ASP A 40 9.68 10.09 -0.12
C ASP A 40 9.57 10.06 -0.44
N LEU A 41 9.17 11.31 -0.21
CA LEU A 41 7.74 11.59 0.01
C LEU A 41 7.01 11.86 -1.31
N ASN A 42 7.73 11.84 -2.43
N ASN A 42 7.73 11.84 -2.44
CA ASN A 42 7.16 12.17 -3.73
CA ASN A 42 7.12 12.23 -3.71
C ASN A 42 6.50 10.98 -4.39
C ASN A 42 6.45 11.06 -4.42
N TRP A 43 5.39 10.56 -3.80
CA TRP A 43 4.77 9.31 -4.17
C TRP A 43 4.25 9.32 -5.60
N ILE A 44 3.87 10.48 -6.13
CA ILE A 44 3.23 10.50 -7.44
C ILE A 44 4.21 10.05 -8.54
N LYS A 45 5.51 9.98 -8.24
CA LYS A 45 6.50 9.60 -9.25
C LYS A 45 6.52 8.06 -9.47
N TYR A 46 5.81 7.29 -8.66
CA TYR A 46 6.09 5.85 -8.55
C TYR A 46 5.05 4.91 -9.16
N TYR A 47 4.10 5.43 -9.97
CA TYR A 47 3.15 4.54 -10.60
C TYR A 47 3.86 3.47 -11.46
N GLY A 48 4.90 3.89 -12.18
CA GLY A 48 5.63 2.98 -13.04
C GLY A 48 6.79 2.27 -12.34
N TYR A 49 6.86 2.33 -11.01
CA TYR A 49 7.93 1.64 -10.30
C TYR A 49 7.85 0.12 -10.55
N CYS A 50 9.00 -0.49 -10.83
CA CYS A 50 9.05 -1.94 -10.99
C CYS A 50 10.46 -2.38 -10.65
N GLU A 51 10.61 -3.35 -9.75
CA GLU A 51 11.95 -3.82 -9.37
C GLU A 51 11.83 -5.21 -8.76
N ASP A 52 12.82 -6.06 -9.06
CA ASP A 52 12.97 -7.31 -8.32
C ASP A 52 13.89 -6.98 -7.15
N ILE A 53 13.31 -6.89 -5.94
CA ILE A 53 14.12 -6.51 -4.76
C ILE A 53 14.68 -7.74 -4.07
N GLU A 54 14.58 -8.91 -4.72
CA GLU A 54 15.24 -10.14 -4.23
C GLU A 54 14.67 -10.63 -2.87
N ASP A 55 13.36 -10.50 -2.69
CA ASP A 55 12.67 -10.90 -1.48
C ASP A 55 11.77 -12.11 -1.71
N GLU A 56 11.97 -12.83 -2.84
CA GLU A 56 11.19 -14.03 -3.13
C GLU A 56 9.70 -13.70 -3.29
N ARG A 57 9.37 -12.47 -3.69
CA ARG A 57 7.98 -12.10 -4.02
C ARG A 57 7.76 -11.81 -5.51
N GLY A 58 8.76 -12.10 -6.35
CA GLY A 58 8.69 -11.72 -7.76
C GLY A 58 9.07 -10.28 -7.95
N TYR A 59 8.37 -9.58 -8.84
CA TYR A 59 8.62 -8.16 -9.06
C TYR A 59 7.68 -7.34 -8.19
N THR A 60 8.21 -6.23 -7.67
CA THR A 60 7.46 -5.26 -6.84
C THR A 60 7.12 -4.04 -7.70
N ILE A 61 5.85 -3.62 -7.70
CA ILE A 61 5.37 -2.67 -8.71
C ILE A 61 4.48 -1.59 -8.12
N GLY A 62 4.72 -0.37 -8.55
CA GLY A 62 3.71 0.69 -8.31
C GLY A 62 3.73 1.29 -6.92
N LEU A 63 2.65 2.04 -6.63
CA LEU A 63 2.54 2.84 -5.41
C LEU A 63 2.49 2.05 -4.13
N PHE A 64 1.94 0.84 -4.17
CA PHE A 64 1.78 0.05 -2.94
C PHE A 64 2.59 -1.23 -2.98
N GLY A 65 3.53 -1.31 -3.92
CA GLY A 65 4.44 -2.46 -3.99
C GLY A 65 3.69 -3.76 -4.24
N ALA A 66 2.77 -3.74 -5.21
CA ALA A 66 2.11 -4.97 -5.66
C ALA A 66 3.15 -5.94 -6.13
N THR A 67 2.93 -7.22 -5.90
CA THR A 67 3.96 -8.20 -6.24
C THR A 67 3.43 -9.19 -7.26
N THR A 68 4.31 -9.69 -8.12
CA THR A 68 3.87 -10.67 -9.12
C THR A 68 3.78 -12.07 -8.53
N GLY A 69 4.53 -12.34 -7.43
CA GLY A 69 4.44 -13.61 -6.72
C GLY A 69 5.72 -14.42 -6.71
N GLY A 70 5.93 -15.14 -5.62
CA GLY A 70 7.08 -16.02 -5.50
C GLY A 70 6.88 -16.86 -4.28
N SER A 71 7.94 -17.52 -3.85
CA SER A 71 7.79 -18.43 -2.72
C SER A 71 7.39 -17.74 -1.40
N ARG A 72 7.68 -16.45 -1.25
CA ARG A 72 7.32 -15.73 -0.04
C ARG A 72 5.98 -15.01 -0.19
N ASP A 73 5.37 -15.05 -1.37
CA ASP A 73 4.06 -14.44 -1.56
C ASP A 73 3.34 -15.23 -2.64
N THR A 74 2.64 -16.24 -2.17
CA THR A 74 1.91 -17.18 -3.03
C THR A 74 0.48 -16.74 -3.28
N HIS A 75 0.05 -15.67 -2.63
CA HIS A 75 -1.26 -15.05 -2.93
C HIS A 75 -1.08 -13.58 -3.24
N PRO A 76 -0.29 -13.26 -4.27
CA PRO A 76 0.06 -11.88 -4.53
C PRO A 76 -1.06 -11.02 -5.09
N ASP A 77 -0.86 -9.71 -4.99
CA ASP A 77 -1.82 -8.73 -5.49
C ASP A 77 -1.55 -8.26 -6.92
N GLY A 78 -0.36 -8.55 -7.46
CA GLY A 78 -0.01 -8.11 -8.79
C GLY A 78 -0.95 -8.64 -9.88
N PRO A 79 -1.40 -9.92 -9.77
CA PRO A 79 -2.31 -10.40 -10.81
C PRO A 79 -3.57 -9.54 -10.87
N ASP A 80 -4.14 -9.16 -9.71
CA ASP A 80 -5.35 -8.33 -9.69
C ASP A 80 -5.07 -6.95 -10.30
N LEU A 81 -3.88 -6.40 -10.08
CA LEU A 81 -3.50 -5.13 -10.66
C LEU A 81 -3.52 -5.23 -12.21
N PHE A 82 -2.88 -6.26 -12.73
CA PHE A 82 -2.87 -6.45 -14.18
C PHE A 82 -4.26 -6.69 -14.76
N LYS A 83 -5.07 -7.50 -14.06
CA LYS A 83 -6.44 -7.69 -14.54
C LYS A 83 -7.19 -6.34 -14.59
N ALA A 84 -7.01 -5.52 -13.55
CA ALA A 84 -7.71 -4.23 -13.51
C ALA A 84 -7.21 -3.33 -14.67
N TYR A 85 -5.92 -3.41 -15.03
CA TYR A 85 -5.40 -2.66 -16.17
C TYR A 85 -6.07 -3.14 -17.46
N ASP A 86 -6.15 -4.44 -17.64
CA ASP A 86 -6.81 -5.00 -18.83
C ASP A 86 -8.24 -4.45 -18.90
N ALA A 87 -8.93 -4.47 -17.76
CA ALA A 87 -10.30 -3.93 -17.69
C ALA A 87 -10.34 -2.44 -18.06
N ALA A 88 -9.46 -1.62 -17.49
CA ALA A 88 -9.45 -0.18 -17.75
C ALA A 88 -9.14 0.13 -19.24
N LYS A 89 -8.43 -0.77 -19.91
CA LYS A 89 -8.13 -0.64 -21.33
C LYS A 89 -9.24 -1.13 -22.23
N GLY A 90 -10.33 -1.62 -21.63
CA GLY A 90 -11.53 -1.97 -22.39
C GLY A 90 -11.69 -3.45 -22.75
N ALA A 91 -10.88 -4.32 -22.16
CA ALA A 91 -11.03 -5.75 -22.47
C ALA A 91 -12.44 -6.23 -22.16
N SER A 92 -12.99 -7.06 -23.04
CA SER A 92 -14.29 -7.66 -22.79
C SER A 92 -14.25 -8.74 -21.71
N ASN A 93 -13.11 -9.43 -21.54
CA ASN A 93 -12.98 -10.44 -20.50
C ASN A 93 -11.63 -10.27 -19.81
N PRO A 94 -11.53 -9.26 -18.95
CA PRO A 94 -10.22 -8.89 -18.45
C PRO A 94 -9.53 -9.95 -17.61
N SER A 95 -8.21 -10.05 -17.77
CA SER A 95 -7.44 -11.01 -16.97
C SER A 95 -6.00 -10.60 -16.93
N ALA A 96 -5.25 -11.15 -15.96
CA ALA A 96 -3.82 -10.89 -15.92
C ALA A 96 -3.15 -11.40 -17.20
N ASP A 97 -3.52 -12.61 -17.65
CA ASP A 97 -3.01 -13.17 -18.93
C ASP A 97 -3.21 -12.12 -20.05
N GLY A 98 -4.43 -11.57 -20.12
CA GLY A 98 -4.76 -10.61 -21.19
C GLY A 98 -3.98 -9.31 -21.08
N ALA A 99 -3.76 -8.83 -19.85
CA ALA A 99 -2.97 -7.62 -19.67
C ALA A 99 -1.52 -7.83 -20.15
N LEU A 100 -0.93 -8.98 -19.83
CA LEU A 100 0.42 -9.20 -20.25
C LEU A 100 0.50 -9.32 -21.78
N LYS A 101 -0.47 -10.01 -22.41
CA LYS A 101 -0.50 -10.09 -23.88
C LYS A 101 -0.56 -8.67 -24.46
N ARG A 102 -1.43 -7.84 -23.88
CA ARG A 102 -1.65 -6.50 -24.40
C ARG A 102 -0.37 -5.68 -24.34
N LEU A 103 0.40 -5.90 -23.26
CA LEU A 103 1.63 -5.17 -23.00
C LEU A 103 2.82 -5.79 -23.74
N GLY A 104 2.61 -6.90 -24.46
CA GLY A 104 3.70 -7.65 -25.10
C GLY A 104 4.73 -8.27 -24.14
N ILE A 105 4.25 -8.71 -22.98
CA ILE A 105 5.10 -9.34 -21.96
C ILE A 105 4.90 -10.84 -22.05
N ASN A 106 6.01 -11.58 -22.05
CA ASN A 106 5.99 -13.06 -22.03
C ASN A 106 5.76 -13.51 -20.59
N GLY A 107 4.50 -13.79 -20.27
CA GLY A 107 4.14 -14.23 -18.92
C GLY A 107 2.69 -14.65 -18.85
N LYS A 108 2.32 -15.40 -17.81
CA LYS A 108 0.93 -15.78 -17.60
C LYS A 108 0.78 -16.28 -16.19
N MET A 109 -0.46 -16.45 -15.74
CA MET A 109 -0.74 -17.01 -14.42
C MET A 109 -0.32 -18.45 -14.35
N LYS A 110 0.32 -18.82 -13.25
CA LYS A 110 0.58 -20.21 -12.91
C LYS A 110 0.08 -20.35 -11.47
N GLY A 111 -1.08 -20.98 -11.31
CA GLY A 111 -1.75 -20.96 -10.02
C GLY A 111 -2.15 -19.52 -9.69
N SER A 112 -1.81 -19.06 -8.49
CA SER A 112 -2.14 -17.71 -8.05
CA SER A 112 -2.15 -17.71 -8.07
C SER A 112 -1.00 -16.72 -8.27
N ILE A 113 0.12 -17.19 -8.85
CA ILE A 113 1.28 -16.33 -9.16
CA ILE A 113 1.21 -16.24 -9.15
C ILE A 113 1.37 -15.98 -10.65
N LEU A 114 1.89 -14.79 -10.96
CA LEU A 114 2.18 -14.41 -12.35
C LEU A 114 3.61 -14.77 -12.67
N GLU A 115 3.78 -15.75 -13.55
CA GLU A 115 5.12 -16.15 -13.96
C GLU A 115 5.59 -15.30 -15.15
N ILE A 116 6.66 -14.53 -14.93
CA ILE A 116 7.20 -13.62 -15.93
C ILE A 116 8.46 -14.24 -16.55
N LYS A 117 8.40 -14.52 -17.86
CA LYS A 117 9.56 -15.12 -18.53
C LYS A 117 10.54 -14.10 -19.10
N ASP A 118 10.07 -12.88 -19.33
CA ASP A 118 10.95 -11.78 -19.73
C ASP A 118 11.95 -11.43 -18.64
N SER A 119 13.10 -10.90 -19.05
CA SER A 119 14.09 -10.44 -18.08
C SER A 119 13.54 -9.24 -17.28
N GLU A 120 14.19 -8.89 -16.16
CA GLU A 120 13.81 -7.71 -15.38
C GLU A 120 13.92 -6.45 -16.24
N LYS A 121 14.97 -6.32 -17.05
CA LYS A 121 15.14 -5.13 -17.87
C LYS A 121 13.97 -4.96 -18.87
N VAL A 122 13.56 -6.06 -19.50
CA VAL A 122 12.44 -6.04 -20.43
C VAL A 122 11.10 -5.79 -19.73
N PHE A 123 10.80 -6.56 -18.69
CA PHE A 123 9.53 -6.43 -17.97
C PHE A 123 9.41 -5.06 -17.30
N CYS A 124 10.43 -4.69 -16.52
CA CYS A 124 10.32 -3.43 -15.80
C CYS A 124 10.40 -2.25 -16.75
N GLY A 125 11.03 -2.41 -17.91
CA GLY A 125 11.07 -1.34 -18.92
C GLY A 125 9.66 -1.04 -19.39
N LYS A 126 8.86 -2.08 -19.63
CA LYS A 126 7.47 -1.88 -20.07
C LYS A 126 6.61 -1.27 -18.96
N ILE A 127 6.82 -1.70 -17.72
CA ILE A 127 6.03 -1.13 -16.62
C ILE A 127 6.37 0.34 -16.37
N LYS A 128 7.65 0.70 -16.50
CA LYS A 128 8.08 2.08 -16.25
C LYS A 128 7.37 3.05 -17.21
N LYS A 129 7.09 2.59 -18.43
CA LYS A 129 6.40 3.38 -19.44
C LYS A 129 4.91 3.60 -19.16
N LEU A 130 4.39 2.96 -18.11
CA LEU A 130 2.98 3.14 -17.72
C LEU A 130 2.82 4.25 -16.68
N GLN A 131 3.92 4.89 -16.25
CA GLN A 131 3.86 5.98 -15.25
C GLN A 131 2.78 7.03 -15.52
N ASN A 132 2.60 7.41 -16.80
CA ASN A 132 1.60 8.42 -17.14
C ASN A 132 0.38 7.86 -17.88
N ASP A 133 0.17 6.54 -17.79
CA ASP A 133 -0.93 5.91 -18.50
C ASP A 133 -2.18 5.96 -17.61
N ALA A 134 -3.23 6.63 -18.08
CA ALA A 134 -4.41 6.85 -17.26
C ALA A 134 -5.05 5.53 -16.84
N ALA A 135 -5.07 4.55 -17.73
CA ALA A 135 -5.68 3.26 -17.41
C ALA A 135 -4.90 2.55 -16.30
N TRP A 136 -3.57 2.65 -16.36
CA TRP A 136 -2.71 2.05 -15.31
C TRP A 136 -2.92 2.70 -13.97
N ARG A 137 -3.00 4.03 -13.99
CA ARG A 137 -3.17 4.74 -12.75
C ARG A 137 -4.55 4.43 -12.12
N LYS A 138 -5.58 4.34 -12.97
CA LYS A 138 -6.91 3.93 -12.52
C LYS A 138 -6.88 2.55 -11.90
N ALA A 139 -6.28 1.60 -12.60
CA ALA A 139 -6.17 0.24 -12.13
C ALA A 139 -5.42 0.16 -10.80
N MET A 140 -4.39 0.99 -10.68
CA MET A 140 -3.58 0.97 -9.48
CA MET A 140 -3.55 1.08 -9.47
C MET A 140 -4.42 1.41 -8.27
N TRP A 141 -5.21 2.48 -8.40
CA TRP A 141 -6.07 2.92 -7.31
C TRP A 141 -7.21 1.97 -7.02
N GLU A 142 -7.77 1.37 -8.10
CA GLU A 142 -8.83 0.39 -7.89
C GLU A 142 -8.33 -0.80 -7.09
N THR A 143 -7.14 -1.27 -7.43
CA THR A 143 -6.60 -2.47 -6.80
C THR A 143 -6.19 -2.14 -5.36
N PHE A 144 -5.59 -0.97 -5.16
CA PHE A 144 -5.20 -0.54 -3.80
C PHE A 144 -6.42 -0.57 -2.88
N TYR A 145 -7.53 -0.03 -3.40
CA TYR A 145 -8.78 -0.02 -2.64
C TYR A 145 -9.30 -1.42 -2.41
N ASN A 146 -9.41 -2.19 -3.47
CA ASN A 146 -10.03 -3.50 -3.37
C ASN A 146 -9.29 -4.48 -2.48
N VAL A 147 -7.96 -4.40 -2.51
CA VAL A 147 -7.15 -5.37 -1.76
C VAL A 147 -6.85 -4.90 -0.35
N TYR A 148 -6.62 -3.59 -0.15
CA TYR A 148 -6.15 -3.12 1.14
C TYR A 148 -7.03 -2.07 1.80
N ILE A 149 -7.47 -1.06 1.06
CA ILE A 149 -8.08 0.08 1.73
C ILE A 149 -9.48 -0.27 2.25
N ARG A 150 -10.29 -0.96 1.46
CA ARG A 150 -11.67 -1.24 1.88
C ARG A 150 -11.64 -2.01 3.21
N TYR A 151 -10.81 -3.06 3.29
CA TYR A 151 -10.74 -3.88 4.48
C TYR A 151 -10.23 -3.06 5.69
N SER A 152 -9.21 -2.24 5.45
CA SER A 152 -8.64 -1.44 6.53
C SER A 152 -9.67 -0.48 7.10
N VAL A 153 -10.39 0.22 6.21
CA VAL A 153 -11.41 1.15 6.67
C VAL A 153 -12.55 0.41 7.41
N GLU A 154 -12.94 -0.77 6.93
CA GLU A 154 -13.97 -1.56 7.62
CA GLU A 154 -13.96 -1.57 7.63
C GLU A 154 -13.52 -1.89 9.04
N GLN A 155 -12.25 -2.28 9.19
CA GLN A 155 -11.76 -2.69 10.52
C GLN A 155 -11.65 -1.50 11.44
N ALA A 156 -11.31 -0.31 10.90
CA ALA A 156 -11.26 0.88 11.75
C ALA A 156 -12.66 1.24 12.18
N ARG A 157 -13.60 1.28 11.22
CA ARG A 157 -14.95 1.74 11.54
C ARG A 157 -15.66 0.80 12.48
N GLN A 158 -15.37 -0.50 12.39
CA GLN A 158 -16.10 -1.41 13.24
C GLN A 158 -15.71 -1.21 14.72
N ARG A 159 -14.55 -0.61 14.93
CA ARG A 159 -14.09 -0.29 16.28
C ARG A 159 -14.46 1.13 16.69
N GLY A 160 -15.18 1.83 15.83
CA GLY A 160 -15.50 3.25 16.06
C GLY A 160 -14.37 4.24 15.76
N PHE A 161 -13.37 3.81 15.01
CA PHE A 161 -12.22 4.63 14.69
C PHE A 161 -12.38 5.10 13.23
N THR A 162 -12.25 6.40 13.02
CA THR A 162 -12.41 6.98 11.70
C THR A 162 -11.25 7.88 11.33
N SER A 163 -10.24 8.00 12.20
CA SER A 163 -9.23 9.02 11.95
C SER A 163 -8.30 8.65 10.81
N ALA A 164 -7.71 9.68 10.21
CA ALA A 164 -6.76 9.48 9.13
C ALA A 164 -5.54 8.69 9.59
N VAL A 165 -5.08 8.91 10.83
CA VAL A 165 -3.90 8.17 11.33
CA VAL A 165 -3.89 8.17 11.25
C VAL A 165 -4.20 6.68 11.48
N THR A 166 -5.37 6.39 12.05
CA THR A 166 -5.73 4.98 12.22
C THR A 166 -5.92 4.29 10.86
N ILE A 167 -6.69 4.91 9.97
CA ILE A 167 -6.89 4.31 8.65
C ILE A 167 -5.56 4.16 7.95
N GLY A 168 -4.74 5.22 7.99
CA GLY A 168 -3.43 5.18 7.35
C GLY A 168 -2.53 4.06 7.89
N SER A 169 -2.49 3.95 9.22
CA SER A 169 -1.67 2.94 9.85
C SER A 169 -2.16 1.54 9.49
N PHE A 170 -3.48 1.33 9.50
CA PHE A 170 -4.01 0.03 9.09
C PHE A 170 -3.67 -0.25 7.61
N VAL A 171 -3.82 0.76 6.75
CA VAL A 171 -3.56 0.57 5.31
C VAL A 171 -2.06 0.26 5.05
N ASP A 172 -1.18 0.96 5.79
CA ASP A 172 0.25 0.68 5.64
C ASP A 172 0.59 -0.76 6.08
N THR A 173 -0.03 -1.19 7.18
CA THR A 173 0.20 -2.55 7.66
C THR A 173 -0.30 -3.55 6.63
N ALA A 174 -1.51 -3.32 6.12
CA ALA A 174 -2.12 -4.23 5.17
C ALA A 174 -1.31 -4.36 3.89
N LEU A 175 -0.88 -3.21 3.31
CA LEU A 175 -0.16 -3.30 2.05
C LEU A 175 1.24 -3.90 2.29
N ASN A 176 1.84 -3.66 3.47
CA ASN A 176 3.19 -4.15 3.70
C ASN A 176 3.22 -5.65 4.00
N GLN A 177 2.24 -6.08 4.84
CA GLN A 177 2.28 -7.39 5.47
C GLN A 177 1.12 -8.30 5.05
N GLY A 178 0.23 -7.79 4.19
CA GLY A 178 -0.96 -8.49 3.76
C GLY A 178 -2.17 -8.04 4.57
N ALA A 179 -3.32 -8.02 3.93
CA ALA A 179 -4.56 -7.61 4.61
C ALA A 179 -5.12 -8.73 5.49
N THR A 180 -5.26 -9.93 4.93
CA THR A 180 -5.87 -11.05 5.65
C THR A 180 -5.03 -12.28 5.38
N GLY A 181 -5.18 -13.26 6.28
CA GLY A 181 -4.45 -14.52 6.13
C GLY A 181 -3.69 -14.76 7.42
N GLY A 182 -2.38 -14.69 7.35
CA GLY A 182 -1.56 -15.10 8.45
C GLY A 182 -1.39 -14.17 9.64
N SER A 183 -0.49 -14.59 10.51
CA SER A 183 -0.35 -13.94 11.80
CA SER A 183 -0.26 -13.96 11.81
C SER A 183 0.18 -12.53 11.74
N ASP A 184 0.86 -12.20 10.65
CA ASP A 184 1.50 -10.89 10.51
C ASP A 184 0.70 -9.92 9.67
N THR A 185 -0.41 -10.39 9.12
CA THR A 185 -1.27 -9.53 8.29
C THR A 185 -1.97 -8.51 9.19
N LEU A 186 -2.60 -7.54 8.59
CA LEU A 186 -3.44 -6.62 9.39
C LEU A 186 -4.44 -7.42 10.22
N GLN A 187 -5.12 -8.40 9.61
CA GLN A 187 -6.09 -9.20 10.34
C GLN A 187 -5.41 -9.88 11.54
N GLY A 188 -4.26 -10.51 11.32
CA GLY A 188 -3.58 -11.24 12.39
C GLY A 188 -3.11 -10.32 13.51
N LEU A 189 -2.67 -9.12 13.16
CA LEU A 189 -2.20 -8.20 14.17
C LEU A 189 -3.39 -7.63 14.94
N LEU A 190 -4.49 -7.32 14.25
CA LEU A 190 -5.70 -6.89 14.96
C LEU A 190 -6.16 -7.96 15.98
N ALA A 191 -6.09 -9.22 15.57
CA ALA A 191 -6.45 -10.32 16.48
C ALA A 191 -5.59 -10.33 17.78
N ARG A 192 -4.36 -9.84 17.68
CA ARG A 192 -3.49 -9.79 18.84
C ARG A 192 -3.60 -8.51 19.66
N SER A 193 -4.36 -7.53 19.18
CA SER A 193 -4.30 -6.19 19.74
C SER A 193 -5.37 -5.83 20.74
N GLY A 194 -6.33 -6.71 20.98
CA GLY A 194 -7.33 -6.47 22.04
C GLY A 194 -8.53 -5.64 21.62
N SER A 195 -9.27 -5.14 22.61
CA SER A 195 -10.62 -4.64 22.38
C SER A 195 -10.81 -3.27 23.01
N SER A 196 -9.73 -2.55 23.31
CA SER A 196 -9.93 -1.20 23.90
C SER A 196 -10.70 -0.30 22.93
N SER A 197 -11.72 0.39 23.46
CA SER A 197 -12.50 1.35 22.67
CA SER A 197 -12.45 1.33 22.61
C SER A 197 -11.80 2.70 22.56
N ASN A 198 -10.73 2.89 23.31
CA ASN A 198 -9.97 4.14 23.29
C ASN A 198 -9.00 4.06 22.12
N GLU A 199 -9.11 4.96 21.16
CA GLU A 199 -8.33 4.89 19.93
C GLU A 199 -6.84 4.99 20.21
N LYS A 200 -6.44 5.88 21.11
CA LYS A 200 -5.00 6.01 21.42
C LYS A 200 -4.47 4.73 22.07
N THR A 201 -5.18 4.21 23.07
CA THR A 201 -4.76 2.99 23.73
C THR A 201 -4.64 1.83 22.73
N PHE A 202 -5.69 1.65 21.93
CA PHE A 202 -5.70 0.61 20.94
C PHE A 202 -4.53 0.74 19.95
N MET A 203 -4.34 1.93 19.42
CA MET A 203 -3.28 2.12 18.38
C MET A 203 -1.88 1.94 18.99
N LYS A 204 -1.66 2.40 20.21
CA LYS A 204 -0.37 2.15 20.86
C LYS A 204 -0.11 0.64 20.95
N ASN A 205 -1.13 -0.14 21.32
CA ASN A 205 -0.92 -1.59 21.44
C ASN A 205 -0.73 -2.24 20.09
N PHE A 206 -1.54 -1.83 19.11
CA PHE A 206 -1.41 -2.35 17.75
C PHE A 206 -0.02 -2.09 17.19
N HIS A 207 0.46 -0.87 17.33
CA HIS A 207 1.81 -0.56 16.87
C HIS A 207 2.85 -1.41 17.55
N ALA A 208 2.70 -1.67 18.84
CA ALA A 208 3.64 -2.53 19.54
C ALA A 208 3.62 -3.97 19.00
N LYS A 209 2.43 -4.48 18.68
CA LYS A 209 2.33 -5.83 18.10
C LYS A 209 2.97 -5.85 16.71
N ARG A 210 2.70 -4.81 15.94
CA ARG A 210 3.28 -4.76 14.58
C ARG A 210 4.80 -4.69 14.64
N THR A 211 5.33 -3.89 15.58
CA THR A 211 6.78 -3.71 15.70
C THR A 211 7.51 -5.04 15.92
N LEU A 212 6.84 -6.02 16.53
CA LEU A 212 7.47 -7.32 16.79
C LEU A 212 7.73 -8.11 15.54
N VAL A 213 7.05 -7.81 14.45
CA VAL A 213 7.16 -8.63 13.22
C VAL A 213 7.54 -7.82 11.96
N VAL A 214 7.45 -6.50 12.03
CA VAL A 214 7.59 -5.65 10.81
C VAL A 214 8.96 -5.79 10.12
N ASP A 215 9.99 -6.19 10.86
CA ASP A 215 11.34 -6.38 10.30
C ASP A 215 11.72 -7.84 10.07
N THR A 216 10.69 -8.68 10.06
CA THR A 216 10.86 -10.11 9.80
C THR A 216 10.30 -10.48 8.42
N ASN A 217 10.60 -11.71 7.99
CA ASN A 217 10.02 -12.24 6.75
C ASN A 217 10.15 -11.27 5.59
N LYS A 218 11.27 -10.56 5.53
CA LYS A 218 11.51 -9.58 4.46
C LYS A 218 10.35 -8.63 4.20
N TYR A 219 9.62 -8.22 5.25
CA TYR A 219 8.63 -7.13 5.00
C TYR A 219 9.36 -5.82 4.80
N ASN A 220 10.48 -5.69 5.54
CA ASN A 220 11.37 -4.49 5.53
C ASN A 220 12.73 -4.97 5.96
N LYS A 221 13.74 -4.23 5.55
CA LYS A 221 15.11 -4.43 6.04
CA LYS A 221 15.10 -4.44 6.04
C LYS A 221 15.27 -3.71 7.37
N PRO A 222 15.69 -4.41 8.45
CA PRO A 222 15.77 -3.68 9.71
C PRO A 222 16.83 -2.58 9.70
N PRO A 223 16.59 -1.43 10.37
CA PRO A 223 15.44 -1.09 11.23
C PRO A 223 14.39 -0.29 10.49
N ASN A 224 14.29 -0.47 9.17
CA ASN A 224 13.36 0.33 8.39
C ASN A 224 11.92 0.05 8.81
N GLY A 225 11.61 -1.22 9.12
CA GLY A 225 10.25 -1.54 9.55
C GLY A 225 9.94 -0.91 10.88
N LYS A 226 10.86 -1.01 11.83
CA LYS A 226 10.65 -0.41 13.14
C LYS A 226 10.39 1.09 12.97
N ASN A 227 11.16 1.73 12.09
CA ASN A 227 10.98 3.17 11.86
C ASN A 227 9.69 3.49 11.13
N ARG A 228 9.24 2.64 10.22
CA ARG A 228 7.99 2.92 9.54
C ARG A 228 6.83 2.90 10.54
N VAL A 229 6.84 1.95 11.47
CA VAL A 229 5.75 1.90 12.45
C VAL A 229 5.85 3.10 13.39
N LYS A 230 7.07 3.46 13.77
CA LYS A 230 7.30 4.64 14.62
CA LYS A 230 7.28 4.65 14.62
C LYS A 230 6.67 5.92 14.02
N GLN A 231 6.63 6.03 12.69
CA GLN A 231 5.99 7.23 12.08
C GLN A 231 4.57 7.41 12.59
N TRP A 232 3.80 6.33 12.47
CA TRP A 232 2.38 6.30 12.87
C TRP A 232 2.26 6.44 14.37
N ASP A 233 3.10 5.73 15.11
CA ASP A 233 3.02 5.80 16.57
C ASP A 233 3.36 7.19 17.10
N THR A 234 4.31 7.87 16.48
CA THR A 234 4.65 9.24 16.91
C THR A 234 3.50 10.18 16.61
N LEU A 235 2.83 10.01 15.46
CA LEU A 235 1.69 10.86 15.16
C LEU A 235 0.57 10.66 16.20
N VAL A 236 0.38 9.41 16.64
CA VAL A 236 -0.61 9.15 17.72
C VAL A 236 -0.18 9.86 18.99
N ASP A 237 1.09 9.73 19.36
CA ASP A 237 1.62 10.40 20.57
C ASP A 237 1.45 11.92 20.49
N MET A 238 1.63 12.48 19.29
CA MET A 238 1.54 13.93 19.07
C MET A 238 0.07 14.38 19.10
N GLY A 239 -0.86 13.43 19.01
CA GLY A 239 -2.30 13.73 18.91
C GLY A 239 -2.78 14.25 17.57
N LYS A 240 -2.01 14.03 16.49
CA LYS A 240 -2.29 14.54 15.15
C LYS A 240 -3.13 13.55 14.35
N MET A 241 -4.22 13.11 14.94
CA MET A 241 -4.95 12.00 14.36
C MET A 241 -5.61 12.30 13.00
N ASN A 242 -5.91 13.57 12.73
CA ASN A 242 -6.60 13.89 11.48
C ASN A 242 -5.70 14.09 10.26
N LEU A 243 -4.37 14.12 10.44
CA LEU A 243 -3.45 14.35 9.34
C LEU A 243 -3.85 15.56 8.50
N LYS A 244 -4.27 16.64 9.17
CA LYS A 244 -4.50 17.92 8.47
C LYS A 244 -3.60 18.98 9.09
N ASN A 245 -3.01 19.82 8.23
CA ASN A 245 -2.08 20.86 8.71
C ASN A 245 -0.93 20.22 9.50
N VAL A 246 -0.30 19.21 8.90
CA VAL A 246 0.75 18.44 9.56
C VAL A 246 2.02 18.35 8.70
N ASP A 247 2.23 19.32 7.80
CA ASP A 247 3.40 19.17 6.91
C ASP A 247 4.72 19.06 7.72
N SER A 248 4.89 19.88 8.75
CA SER A 248 6.16 19.85 9.49
C SER A 248 6.28 18.55 10.31
N GLU A 249 5.16 18.08 10.88
CA GLU A 249 5.19 16.82 11.62
C GLU A 249 5.52 15.65 10.73
N ILE A 250 4.98 15.65 9.50
CA ILE A 250 5.33 14.57 8.57
C ILE A 250 6.80 14.62 8.19
N ALA A 251 7.33 15.81 7.98
CA ALA A 251 8.78 15.94 7.69
C ALA A 251 9.60 15.41 8.88
N GLN A 252 9.12 15.64 10.11
CA GLN A 252 9.84 15.18 11.31
C GLN A 252 9.82 13.66 11.43
N VAL A 253 8.63 13.06 11.28
CA VAL A 253 8.55 11.62 11.56
C VAL A 253 9.12 10.77 10.43
N THR A 254 9.32 11.40 9.27
CA THR A 254 9.92 10.68 8.15
C THR A 254 11.45 10.96 8.09
N ASP A 255 11.97 11.66 9.08
CA ASP A 255 13.43 11.98 9.11
C ASP A 255 14.24 10.87 9.75
N TRP A 256 14.29 9.73 9.08
CA TRP A 256 15.08 8.61 9.50
C TRP A 256 15.79 8.06 8.31
N GLU A 257 16.99 7.56 8.54
CA GLU A 257 17.81 7.02 7.45
C GLU A 257 17.36 5.62 7.10
N MET A 258 17.19 5.38 5.80
CA MET A 258 16.81 4.09 5.30
C MET A 258 18.06 3.22 5.10
N LYS A 259 18.06 2.02 5.66
CA LYS A 259 19.14 1.07 5.52
C LYS A 259 18.90 0.25 4.24
C1 GCS B . 8.25 -4.45 -0.16
C2 GCS B . 8.10 -5.53 0.90
C3 GCS B . 6.94 -6.45 0.49
C4 GCS B . 5.63 -5.72 0.23
C5 GCS B . 5.81 -4.41 -0.52
C6 GCS B . 4.72 -3.38 -0.18
N2 GCS B . 9.32 -6.34 1.00
O1 GCS B . 9.32 -3.57 0.22
O3 GCS B . 6.73 -7.40 1.54
O4 GCS B . 4.77 -6.50 -0.62
O5 GCS B . 7.03 -3.73 -0.13
O6 GCS B . 4.93 -3.04 1.22
C1 GCS B . 3.63 -7.06 0.00
C2 GCS B . 2.81 -7.72 -1.14
C3 GCS B . 1.61 -8.42 -0.50
C4 GCS B . 2.10 -9.43 0.57
C5 GCS B . 3.00 -8.71 1.56
C6 GCS B . 3.61 -9.58 2.69
N2 GCS B . 2.37 -6.77 -2.17
O3 GCS B . 0.95 -9.18 -1.54
O4 GCS B . 1.04 -9.96 1.36
O5 GCS B . 4.09 -8.14 0.82
O6 GCS B . 4.27 -10.74 2.14
C1 GCS B . 0.08 -10.77 0.72
C2 GCS B . -0.14 -12.06 1.51
C3 GCS B . -1.39 -12.79 1.01
C4 GCS B . -2.62 -11.88 0.93
C5 GCS B . -2.24 -10.61 0.18
C6 GCS B . -3.41 -9.61 0.08
N2 GCS B . 1.00 -12.98 1.43
O3 GCS B . -1.55 -13.83 1.96
O4 GCS B . -3.60 -12.51 0.10
O5 GCS B . -1.12 -9.96 0.82
O6 GCS B . -3.79 -9.31 1.41
C1 GCS B . -4.61 -13.17 0.86
C2 GCS B . -5.74 -13.39 -0.13
C3 GCS B . -6.85 -14.12 0.61
C4 GCS B . -6.30 -15.42 1.23
C5 GCS B . -5.06 -15.20 2.09
C6 GCS B . -4.44 -16.52 2.52
N2 GCS B . -6.26 -12.13 -0.64
O3 GCS B . -7.92 -14.35 -0.31
O4 GCS B . -7.29 -16.02 2.05
O5 GCS B . -4.12 -14.46 1.29
O6 GCS B . -3.19 -16.27 3.21
AS CAC C . 17.86 12.37 6.26
O1 CAC C . 19.05 12.08 5.04
O2 CAC C . 18.60 13.16 7.62
C1 CAC C . 16.44 13.53 5.53
C2 CAC C . 17.07 10.66 6.83
C ACY D . 22.82 10.87 4.71
O ACY D . 22.74 10.71 5.95
OXT ACY D . 21.77 10.90 3.99
CH3 ACY D . 24.16 11.04 4.03
C ACY E . 18.80 10.02 2.10
O ACY E . 19.02 9.62 3.27
OXT ACY E . 17.96 10.91 1.93
CH3 ACY E . 19.56 9.40 0.97
C ACY F . 17.25 15.83 8.09
O ACY F . 17.78 16.30 9.12
OXT ACY F . 17.17 14.60 7.95
CH3 ACY F . 16.71 16.71 7.02
ZN ZN G . 19.97 10.46 4.64
ZN ZN H . 17.73 14.07 9.02
ZN ZN I . 15.55 -12.02 -8.43
ZN ZN J . 2.23 23.41 12.17
ZN ZN K . 18.38 -5.27 -9.04
ZN ZN L . -8.10 -12.60 -1.64
ZN ZN M . 5.12 6.18 21.33
#